data_5ZJR
#
_entry.id   5ZJR
#
_cell.length_a   77.330
_cell.length_b   49.445
_cell.length_c   95.092
_cell.angle_alpha   90.000
_cell.angle_beta   109.180
_cell.angle_gamma   90.000
#
_symmetry.space_group_name_H-M   'C 1 2 1'
#
loop_
_entity.id
_entity.type
_entity.pdbx_description
1 polymer 'Homeobox protein abdominal-B'
2 polymer 'Homeobox protein extradenticle'
3 polymer "DNA (5'-D(*GP*TP*CP*GP*TP*AP*AP*AP*TP*CP*AP*TP*GP*C)-3')"
4 polymer "DNA (5'-D(P*GP*CP*AP*TP*GP*AP*TP*TP*TP*AP*CP*GP*AP*C)-3')"
#
loop_
_entity_poly.entity_id
_entity_poly.type
_entity_poly.pdbx_seq_one_letter_code
_entity_poly.pdbx_strand_id
1 'polypeptide(L)'
;VGPCTPNPGLHEWTGQVSVRKKRKPYSKFQTLELEKEFLFNAYVSKQKRWELARNLQLTERQVKIWFQNRRMKNKKNSQR
QANQ
;
A
2 'polypeptide(L)' DARRKRRNFSKQASEILNEYFYSHLSNPYPSEEAKEELARKCGITVSQVSNWFGNKRIRYKKNIGKAQEEANLY B
3 'polydeoxyribonucleotide' (DG)(DT)(DC)(DG)(DT)(DA)(DA)(DA)(DT)(DC)(DA)(DT)(DG)(DC) C
4 'polydeoxyribonucleotide' (DG)(DC)(DA)(DT)(DG)(DA)(DT)(DT)(DT)(DA)(DC)(DG)(DA)(DC) D
#
# COMPACT_ATOMS: atom_id res chain seq x y z
N GLU A 12 -10.50 9.97 18.17
CA GLU A 12 -9.66 10.89 17.41
C GLU A 12 -9.90 10.79 15.91
N TRP A 13 -8.85 10.44 15.18
CA TRP A 13 -8.92 10.28 13.73
C TRP A 13 -9.83 9.13 13.34
N THR A 14 -9.90 8.12 14.21
CA THR A 14 -10.74 6.94 13.97
C THR A 14 -12.22 7.31 13.92
N ARG A 20 -15.95 1.72 -0.16
CA ARG A 20 -17.29 1.64 -0.73
C ARG A 20 -17.56 0.23 -1.26
N LYS A 21 -16.59 -0.66 -1.06
CA LYS A 21 -16.70 -2.03 -1.54
C LYS A 21 -15.65 -2.92 -0.87
N LYS A 22 -15.96 -4.21 -0.74
CA LYS A 22 -15.00 -5.17 -0.24
C LYS A 22 -14.03 -5.56 -1.36
N ARG A 23 -12.74 -5.48 -1.07
CA ARG A 23 -11.71 -5.80 -2.06
C ARG A 23 -11.85 -7.23 -2.59
N LYS A 24 -12.07 -7.33 -3.89
CA LYS A 24 -12.18 -8.63 -4.55
C LYS A 24 -10.91 -8.95 -5.32
N PRO A 25 -10.13 -9.92 -4.83
CA PRO A 25 -8.96 -10.38 -5.58
C PRO A 25 -9.37 -11.00 -6.91
N TYR A 26 -8.86 -10.45 -8.00
CA TYR A 26 -9.26 -10.89 -9.34
C TYR A 26 -8.75 -12.30 -9.65
N SER A 27 -9.27 -12.89 -10.71
CA SER A 27 -8.83 -14.21 -11.12
C SER A 27 -7.46 -14.12 -11.77
N LYS A 28 -6.85 -15.27 -12.01
CA LYS A 28 -5.60 -15.32 -12.74
C LYS A 28 -5.84 -14.90 -14.20
N PHE A 29 -6.92 -15.41 -14.79
CA PHE A 29 -7.27 -15.07 -16.15
C PHE A 29 -7.62 -13.58 -16.29
N GLN A 30 -8.32 -13.04 -15.30
CA GLN A 30 -8.65 -11.62 -15.29
C GLN A 30 -7.39 -10.76 -15.28
N THR A 31 -6.50 -11.07 -14.35
CA THR A 31 -5.28 -10.29 -14.16
C THR A 31 -4.29 -10.45 -15.31
N LEU A 32 -4.10 -11.69 -15.76
CA LEU A 32 -3.13 -12.01 -16.81
C LEU A 32 -3.48 -11.34 -18.13
N GLU A 33 -4.77 -11.37 -18.48
CA GLU A 33 -5.26 -10.76 -19.71
C GLU A 33 -5.16 -9.24 -19.66
N LEU A 34 -5.28 -8.69 -18.46
CA LEU A 34 -5.11 -7.26 -18.27
C LEU A 34 -3.66 -6.88 -18.47
N GLU A 35 -2.76 -7.78 -18.10
CA GLU A 35 -1.32 -7.56 -18.23
C GLU A 35 -0.87 -7.54 -19.68
N LYS A 36 -1.47 -8.41 -20.50
CA LYS A 36 -1.15 -8.46 -21.92
C LYS A 36 -1.46 -7.13 -22.59
N GLU A 37 -2.60 -6.57 -22.25
CA GLU A 37 -3.05 -5.30 -22.81
C GLU A 37 -2.13 -4.16 -22.39
N PHE A 38 -1.62 -4.24 -21.16
CA PHE A 38 -0.73 -3.21 -20.63
C PHE A 38 0.60 -3.18 -21.39
N LEU A 39 1.06 -4.34 -21.84
CA LEU A 39 2.32 -4.43 -22.57
C LEU A 39 2.22 -3.71 -23.91
N PHE A 40 1.02 -3.67 -24.47
CA PHE A 40 0.77 -2.92 -25.70
C PHE A 40 0.75 -1.42 -25.42
N ASN A 41 -0.14 -1.02 -24.52
CA ASN A 41 -0.24 0.38 -24.11
C ASN A 41 -0.65 0.51 -22.66
N ALA A 42 0.14 1.25 -21.89
CA ALA A 42 -0.18 1.50 -20.49
C ALA A 42 -1.43 2.38 -20.39
N TYR A 43 -1.71 3.12 -21.46
CA TYR A 43 -2.95 3.89 -21.56
C TYR A 43 -3.80 3.35 -22.68
N VAL A 44 -4.99 2.88 -22.34
CA VAL A 44 -5.86 2.24 -23.31
C VAL A 44 -7.12 3.10 -23.56
N SER A 45 -7.68 2.98 -24.76
CA SER A 45 -8.83 3.79 -25.16
C SER A 45 -10.09 3.44 -24.38
N LYS A 46 -11.04 4.37 -24.36
CA LYS A 46 -12.30 4.19 -23.64
C LYS A 46 -13.14 3.07 -24.24
N GLN A 47 -13.00 2.85 -25.55
CA GLN A 47 -13.73 1.77 -26.22
C GLN A 47 -13.14 0.42 -25.88
N LYS A 48 -11.81 0.35 -25.86
CA LYS A 48 -11.12 -0.90 -25.53
C LYS A 48 -11.27 -1.19 -24.04
N ARG A 49 -11.34 -0.13 -23.23
CA ARG A 49 -11.60 -0.28 -21.81
C ARG A 49 -12.97 -0.93 -21.60
N TRP A 50 -13.89 -0.60 -22.50
CA TRP A 50 -15.21 -1.23 -22.51
C TRP A 50 -15.09 -2.68 -22.97
N GLU A 51 -14.17 -2.92 -23.90
CA GLU A 51 -13.92 -4.27 -24.39
C GLU A 51 -13.32 -5.15 -23.31
N LEU A 52 -12.28 -4.64 -22.65
CA LEU A 52 -11.66 -5.34 -21.53
C LEU A 52 -12.69 -5.68 -20.45
N ALA A 53 -13.62 -4.76 -20.22
CA ALA A 53 -14.66 -4.94 -19.22
C ALA A 53 -15.61 -6.08 -19.59
N ARG A 54 -15.87 -6.23 -20.89
CA ARG A 54 -16.83 -7.22 -21.38
C ARG A 54 -16.29 -8.65 -21.29
N ASN A 55 -15.03 -8.83 -21.66
CA ASN A 55 -14.43 -10.16 -21.70
C ASN A 55 -13.96 -10.66 -20.33
N LEU A 56 -13.63 -9.72 -19.45
CA LEU A 56 -13.04 -10.07 -18.16
C LEU A 56 -14.01 -9.88 -16.99
N GLN A 57 -15.28 -9.66 -17.32
CA GLN A 57 -16.35 -9.56 -16.32
C GLN A 57 -16.06 -8.48 -15.27
N LEU A 58 -15.74 -7.28 -15.74
CA LEU A 58 -15.46 -6.16 -14.85
C LEU A 58 -16.26 -4.94 -15.27
N THR A 59 -16.43 -3.99 -14.36
CA THR A 59 -17.11 -2.74 -14.70
C THR A 59 -16.12 -1.78 -15.38
N GLU A 60 -16.64 -0.71 -15.96
CA GLU A 60 -15.80 0.25 -16.67
C GLU A 60 -14.85 0.96 -15.70
N ARG A 61 -15.32 1.19 -14.48
CA ARG A 61 -14.51 1.86 -13.47
C ARG A 61 -13.36 0.98 -12.99
N GLN A 62 -13.66 -0.29 -12.73
CA GLN A 62 -12.68 -1.23 -12.20
C GLN A 62 -11.53 -1.48 -13.18
N VAL A 63 -11.82 -1.53 -14.47
CA VAL A 63 -10.79 -1.68 -15.47
C VAL A 63 -9.93 -0.41 -15.55
N LYS A 64 -10.57 0.73 -15.35
CA LYS A 64 -9.89 2.02 -15.37
C LYS A 64 -8.93 2.15 -14.19
N ILE A 65 -9.40 1.81 -12.99
CA ILE A 65 -8.59 1.93 -11.78
C ILE A 65 -7.46 0.91 -11.79
N TRP A 66 -7.69 -0.24 -12.41
CA TRP A 66 -6.66 -1.26 -12.50
C TRP A 66 -5.44 -0.74 -13.28
N PHE A 67 -5.71 -0.03 -14.36
CA PHE A 67 -4.64 0.56 -15.17
C PHE A 67 -3.99 1.73 -14.43
N GLN A 68 -4.76 2.38 -13.57
CA GLN A 68 -4.22 3.44 -12.71
C GLN A 68 -3.19 2.87 -11.75
N ASN A 69 -3.55 1.76 -11.11
CA ASN A 69 -2.67 1.11 -10.14
C ASN A 69 -1.48 0.43 -10.78
N ARG A 70 -1.70 -0.25 -11.90
CA ARG A 70 -0.64 -0.95 -12.62
C ARG A 70 0.43 0.05 -13.11
N ARG A 71 -0.02 1.25 -13.44
CA ARG A 71 0.87 2.32 -13.87
C ARG A 71 1.80 2.75 -12.74
N MET A 72 1.21 2.94 -11.56
CA MET A 72 1.97 3.34 -10.39
C MET A 72 2.90 2.24 -9.93
N LYS A 73 2.56 1.00 -10.26
CA LYS A 73 3.39 -0.15 -9.91
C LYS A 73 4.71 -0.09 -10.66
N ASN A 74 4.66 0.35 -11.92
CA ASN A 74 5.87 0.54 -12.72
C ASN A 74 6.77 1.63 -12.13
N LYS A 75 6.15 2.73 -11.72
CA LYS A 75 6.86 3.85 -11.12
C LYS A 75 7.41 3.47 -9.74
N LYS A 76 6.73 2.53 -9.08
CA LYS A 76 7.15 2.06 -7.77
C LYS A 76 8.31 1.09 -7.87
N ASN A 77 8.23 0.20 -8.86
CA ASN A 77 9.28 -0.78 -9.11
C ASN A 77 10.51 -0.13 -9.74
N SER A 78 10.31 0.60 -10.83
CA SER A 78 11.39 1.35 -11.45
C SER A 78 11.55 2.70 -10.77
N GLN A 79 12.33 2.74 -9.69
CA GLN A 79 12.50 3.96 -8.91
C GLN A 79 13.80 3.96 -8.11
N ARG A 80 14.25 5.16 -7.73
CA ARG A 80 15.45 5.31 -6.92
C ARG A 80 15.50 6.69 -6.26
N ASP B 1 7.81 -10.10 -6.88
CA ASP B 1 7.12 -10.27 -5.61
C ASP B 1 8.12 -10.29 -4.46
N ALA B 2 8.24 -9.17 -3.76
CA ALA B 2 9.19 -9.05 -2.66
C ALA B 2 8.64 -9.63 -1.36
N ARG B 3 7.50 -10.31 -1.45
CA ARG B 3 6.96 -11.03 -0.31
C ARG B 3 7.77 -12.30 -0.09
N ARG B 4 8.47 -12.73 -1.13
CA ARG B 4 9.31 -13.93 -1.07
C ARG B 4 10.63 -13.65 -0.36
N LYS B 5 11.12 -12.41 -0.49
CA LYS B 5 12.35 -12.02 0.15
C LYS B 5 12.08 -11.19 1.40
N ARG B 6 10.90 -11.39 1.98
CA ARG B 6 10.48 -10.63 3.16
C ARG B 6 11.23 -11.08 4.41
N ARG B 7 11.65 -10.10 5.22
CA ARG B 7 12.30 -10.36 6.49
C ARG B 7 11.84 -9.38 7.55
N ASN B 8 11.81 -9.82 8.80
CA ASN B 8 11.44 -8.96 9.92
C ASN B 8 12.47 -7.86 10.12
N PHE B 9 12.00 -6.64 10.39
CA PHE B 9 12.88 -5.51 10.66
C PHE B 9 13.68 -5.73 11.93
N SER B 10 14.74 -4.95 12.10
CA SER B 10 15.53 -4.99 13.32
C SER B 10 14.68 -4.50 14.49
N LYS B 11 14.86 -5.12 15.66
CA LYS B 11 14.07 -4.78 16.84
C LYS B 11 14.27 -3.33 17.26
N GLN B 12 15.43 -2.77 16.93
CA GLN B 12 15.73 -1.37 17.24
C GLN B 12 14.90 -0.43 16.37
N ALA B 13 14.79 -0.77 15.08
CA ALA B 13 14.03 0.03 14.13
C ALA B 13 12.55 0.03 14.49
N SER B 14 12.07 -1.09 15.01
CA SER B 14 10.68 -1.22 15.42
C SER B 14 10.38 -0.30 16.60
N GLU B 15 11.39 -0.09 17.44
CA GLU B 15 11.25 0.77 18.62
C GLU B 15 11.21 2.24 18.21
N ILE B 16 11.61 2.54 16.97
CA ILE B 16 11.56 3.90 16.45
C ILE B 16 10.22 4.18 15.77
N LEU B 17 9.79 3.22 14.95
CA LEU B 17 8.51 3.34 14.25
C LEU B 17 7.34 3.35 15.22
N ASN B 18 7.42 2.54 16.27
CA ASN B 18 6.41 2.54 17.32
C ASN B 18 6.51 3.78 18.20
N GLU B 19 7.69 4.37 18.25
CA GLU B 19 7.90 5.59 19.03
C GLU B 19 7.14 6.76 18.40
N TYR B 20 7.26 6.90 17.08
CA TYR B 20 6.56 7.96 16.37
C TYR B 20 5.06 7.71 16.37
N PHE B 21 4.67 6.45 16.23
CA PHE B 21 3.26 6.08 16.09
C PHE B 21 2.42 6.46 17.31
N TYR B 22 2.76 5.91 18.47
CA TYR B 22 1.98 6.13 19.69
C TYR B 22 2.09 7.55 20.22
N SER B 23 3.24 8.17 20.02
CA SER B 23 3.45 9.55 20.49
C SER B 23 2.56 10.51 19.71
N HIS B 24 2.32 10.18 18.45
CA HIS B 24 1.44 11.00 17.61
C HIS B 24 0.11 10.29 17.38
N LEU B 25 -0.64 10.08 18.45
CA LEU B 25 -1.92 9.37 18.39
C LEU B 25 -2.97 10.18 17.66
N SER B 26 -2.85 11.51 17.72
CA SER B 26 -3.82 12.39 17.09
C SER B 26 -3.69 12.37 15.57
N ASN B 27 -2.44 12.34 15.09
CA ASN B 27 -2.19 12.32 13.65
C ASN B 27 -1.08 11.33 13.28
N PRO B 28 -1.46 10.05 13.09
CA PRO B 28 -0.53 8.98 12.73
C PRO B 28 -0.08 9.04 11.27
N TYR B 29 0.11 10.23 10.73
CA TYR B 29 0.52 10.39 9.35
C TYR B 29 1.77 11.24 9.23
N PRO B 30 2.95 10.60 9.11
CA PRO B 30 4.21 11.32 8.92
C PRO B 30 4.22 12.11 7.62
N SER B 31 4.89 13.25 7.61
CA SER B 31 5.02 14.04 6.39
C SER B 31 6.03 13.38 5.46
N GLU B 32 6.16 13.91 4.25
CA GLU B 32 7.11 13.38 3.29
C GLU B 32 8.53 13.58 3.77
N GLU B 33 8.76 14.68 4.49
CA GLU B 33 10.06 14.99 5.05
C GLU B 33 10.34 14.15 6.30
N ALA B 34 9.30 13.97 7.12
CA ALA B 34 9.42 13.17 8.34
C ALA B 34 9.69 11.70 8.01
N LYS B 35 8.95 11.18 7.05
CA LYS B 35 9.12 9.79 6.62
C LYS B 35 10.46 9.60 5.93
N GLU B 36 10.98 10.67 5.33
CA GLU B 36 12.29 10.62 4.69
C GLU B 36 13.40 10.50 5.72
N GLU B 37 13.18 11.11 6.89
CA GLU B 37 14.15 11.06 7.97
C GLU B 37 13.93 9.83 8.85
N LEU B 38 12.67 9.40 8.93
CA LEU B 38 12.31 8.24 9.73
C LEU B 38 12.87 6.96 9.11
N ALA B 39 13.04 6.99 7.78
CA ALA B 39 13.58 5.86 7.05
C ALA B 39 15.10 5.76 7.20
N ARG B 40 15.72 6.90 7.49
CA ARG B 40 17.17 6.97 7.59
C ARG B 40 17.70 6.22 8.83
N LYS B 41 17.02 6.38 9.94
CA LYS B 41 17.44 5.78 11.20
C LYS B 41 17.23 4.28 11.24
N CYS B 42 16.34 3.78 10.39
CA CYS B 42 15.91 2.39 10.47
C CYS B 42 16.51 1.51 9.38
N GLY B 43 17.25 2.13 8.46
CA GLY B 43 17.91 1.40 7.39
C GLY B 43 16.91 0.73 6.45
N ILE B 44 15.81 1.42 6.20
CA ILE B 44 14.79 0.91 5.29
C ILE B 44 14.39 1.98 4.27
N THR B 45 13.84 1.56 3.14
CA THR B 45 13.35 2.50 2.13
C THR B 45 12.11 3.21 2.65
N VAL B 46 11.85 4.40 2.12
CA VAL B 46 10.72 5.23 2.55
C VAL B 46 9.39 4.50 2.34
N SER B 47 9.29 3.76 1.25
CA SER B 47 8.09 3.00 0.95
C SER B 47 7.79 1.94 2.00
N GLN B 48 8.85 1.42 2.63
CA GLN B 48 8.68 0.43 3.69
C GLN B 48 8.20 1.10 4.98
N VAL B 49 8.53 2.38 5.15
CA VAL B 49 7.99 3.15 6.26
C VAL B 49 6.50 3.39 6.00
N SER B 50 6.17 3.68 4.74
CA SER B 50 4.80 3.88 4.33
C SER B 50 4.00 2.59 4.48
N ASN B 51 4.63 1.47 4.14
CA ASN B 51 4.00 0.16 4.32
C ASN B 51 3.78 -0.15 5.79
N TRP B 52 4.75 0.21 6.62
CA TRP B 52 4.66 -0.08 8.05
C TRP B 52 3.54 0.73 8.70
N PHE B 53 3.57 2.05 8.51
CA PHE B 53 2.54 2.93 9.05
C PHE B 53 1.17 2.62 8.45
N GLY B 54 1.16 2.10 7.23
CA GLY B 54 -0.07 1.66 6.60
C GLY B 54 -0.61 0.45 7.32
N ASN B 55 0.26 -0.53 7.54
CA ASN B 55 -0.12 -1.76 8.23
C ASN B 55 -0.40 -1.53 9.71
N LYS B 56 0.39 -0.66 10.34
CA LYS B 56 0.26 -0.45 11.77
C LYS B 56 -0.99 0.35 12.12
N ARG B 57 -1.42 1.23 11.22
CA ARG B 57 -2.64 2.02 11.46
C ARG B 57 -3.87 1.13 11.52
N ILE B 58 -4.06 0.30 10.51
CA ILE B 58 -5.24 -0.57 10.44
C ILE B 58 -5.22 -1.64 11.54
N ARG B 59 -4.08 -2.28 11.72
CA ARG B 59 -3.96 -3.35 12.71
C ARG B 59 -4.07 -2.80 14.13
N TYR B 60 -3.78 -1.51 14.30
CA TYR B 60 -4.05 -0.83 15.56
C TYR B 60 -5.56 -0.72 15.76
N LYS B 61 -6.24 -0.29 14.72
CA LYS B 61 -7.67 -0.03 14.77
C LYS B 61 -8.48 -1.28 15.10
N LYS B 62 -8.00 -2.44 14.66
CA LYS B 62 -8.66 -3.70 14.94
C LYS B 62 -8.68 -3.97 16.44
N ASN B 63 -7.59 -3.60 17.11
CA ASN B 63 -7.50 -3.75 18.55
C ASN B 63 -8.17 -2.60 19.30
N ILE B 64 -9.30 -2.89 19.93
CA ILE B 64 -10.03 -1.88 20.69
C ILE B 64 -10.25 -2.32 22.13
N GLY B 65 -9.84 -3.54 22.45
CA GLY B 65 -9.99 -4.09 23.78
C GLY B 65 -8.78 -4.85 24.25
N LYS B 66 -7.66 -4.67 23.56
CA LYS B 66 -6.39 -5.31 23.92
C LYS B 66 -5.44 -4.28 24.50
N ALA B 67 -4.34 -4.74 25.10
CA ALA B 67 -3.31 -3.84 25.63
C ALA B 67 -2.55 -3.14 24.51
N GLN B 68 -3.31 -2.60 23.55
CA GLN B 68 -2.77 -1.85 22.44
C GLN B 68 -2.41 -0.45 22.92
N GLU B 69 -2.94 -0.09 24.08
CA GLU B 69 -2.60 1.16 24.75
C GLU B 69 -1.16 1.14 25.24
N GLU B 70 -0.23 0.94 24.32
CA GLU B 70 1.19 0.94 24.64
C GLU B 70 1.74 2.36 24.50
N ALA B 71 0.89 3.33 24.79
CA ALA B 71 1.29 4.74 24.80
C ALA B 71 2.00 5.06 26.10
N ASN B 72 3.02 4.28 26.42
CA ASN B 72 3.90 4.56 27.55
C ASN B 72 4.58 5.90 27.32
N LEU B 73 4.76 6.24 26.04
CA LEU B 73 5.19 7.56 25.63
C LEU B 73 4.15 8.59 26.08
N TYR B 74 4.55 9.71 26.71
CA TYR B 74 5.91 10.25 26.89
C TYR B 74 6.65 10.41 25.57
#